data_7EU6
#
_entry.id   7EU6
#
_cell.length_a   67.033
_cell.length_b   67.033
_cell.length_c   117.183
_cell.angle_alpha   90.000
_cell.angle_beta   90.000
_cell.angle_gamma   120.000
#
_symmetry.space_group_name_H-M   'P 32 2 1'
#
loop_
_entity.id
_entity.type
_entity.pdbx_description
1 polymer 'Cupin domain-containing protein'
2 non-polymer 'PHOSPHITE ION'
3 non-polymer 'FE (III) ION'
4 water water
#
_entity_poly.entity_id   1
_entity_poly.type   'polypeptide(L)'
_entity_poly.pdbx_seq_one_letter_code
;MTVQDKAAGSDAEIVTALPVPLAVAGHHQPAPFYLTADMFGGLPVQLAGGELSKLVGKPVAAPHVHEVDELYFLVSPEPG
QARIEVHLDGVRHELVSPAVMRIPAGSEHCFLTLEATVGSYCFGILVGDRL
;
_entity_poly.pdbx_strand_id   A,B
#
# COMPACT_ATOMS: atom_id res chain seq x y z
N ASP A 11 11.87 -6.49 -21.25
CA ASP A 11 12.76 -6.36 -20.10
C ASP A 11 12.12 -5.53 -18.99
N ALA A 12 10.82 -5.72 -18.79
CA ALA A 12 10.11 -5.15 -17.65
C ALA A 12 10.68 -5.69 -16.34
N GLU A 13 10.71 -4.84 -15.32
CA GLU A 13 11.18 -5.26 -13.99
C GLU A 13 9.96 -5.59 -13.13
N ILE A 14 9.85 -6.87 -12.79
CA ILE A 14 8.72 -7.43 -12.06
C ILE A 14 9.29 -8.14 -10.84
N VAL A 15 8.69 -7.91 -9.67
CA VAL A 15 9.06 -8.58 -8.44
C VAL A 15 7.86 -9.41 -7.98
N THR A 16 8.05 -10.74 -7.88
CA THR A 16 7.00 -11.62 -7.38
C THR A 16 7.44 -12.52 -6.22
N ALA A 17 8.71 -12.46 -5.80
CA ALA A 17 9.19 -13.16 -4.60
C ALA A 17 8.82 -12.29 -3.41
N LEU A 18 7.56 -12.40 -3.01
CA LEU A 18 6.90 -11.47 -2.10
C LEU A 18 5.99 -12.24 -1.18
N PRO A 19 5.77 -11.75 0.05
CA PRO A 19 6.47 -10.60 0.61
C PRO A 19 7.90 -10.96 1.00
N VAL A 20 8.71 -9.95 1.28
CA VAL A 20 10.07 -10.13 1.75
C VAL A 20 10.03 -10.04 3.28
N PRO A 21 10.24 -11.13 4.02
CA PRO A 21 10.23 -11.03 5.48
C PRO A 21 11.47 -10.30 5.99
N LEU A 22 11.27 -9.22 6.72
CA LEU A 22 12.35 -8.44 7.30
C LEU A 22 12.08 -8.19 8.77
N ALA A 23 13.15 -8.23 9.56
CA ALA A 23 13.04 -7.95 10.98
C ALA A 23 12.83 -6.46 11.20
N VAL A 24 11.92 -6.13 12.09
CA VAL A 24 11.64 -4.75 12.47
C VAL A 24 11.63 -4.70 13.99
N ALA A 25 12.09 -3.57 14.55
CA ALA A 25 12.29 -3.47 15.99
C ALA A 25 10.98 -3.68 16.74
N GLY A 26 11.03 -4.53 17.77
CA GLY A 26 9.88 -4.79 18.58
C GLY A 26 8.92 -5.81 18.02
N HIS A 27 9.04 -6.19 16.76
CA HIS A 27 8.07 -7.07 16.13
C HIS A 27 8.35 -8.52 16.49
N HIS A 28 7.29 -9.24 16.86
CA HIS A 28 7.45 -10.63 17.30
C HIS A 28 7.97 -11.50 16.18
N GLN A 29 7.37 -11.39 15.00
CA GLN A 29 7.75 -12.13 13.80
C GLN A 29 8.31 -11.19 12.74
N PRO A 30 8.99 -11.73 11.72
CA PRO A 30 9.40 -10.88 10.59
C PRO A 30 8.19 -10.17 9.97
N ALA A 31 8.40 -8.92 9.60
CA ALA A 31 7.31 -8.18 8.94
C ALA A 31 7.32 -8.44 7.44
N PRO A 32 6.16 -8.56 6.81
CA PRO A 32 6.15 -8.82 5.35
C PRO A 32 6.25 -7.55 4.52
N PHE A 33 7.37 -7.35 3.83
CA PHE A 33 7.57 -6.17 3.01
C PHE A 33 7.21 -6.45 1.56
N TYR A 34 6.55 -5.50 0.93
CA TYR A 34 6.27 -5.55 -0.50
C TYR A 34 7.09 -4.56 -1.32
N LEU A 35 7.51 -3.46 -0.72
CA LEU A 35 8.52 -2.58 -1.32
C LEU A 35 9.69 -2.45 -0.36
N THR A 36 10.89 -2.70 -0.83
CA THR A 36 12.07 -2.48 0.00
C THR A 36 12.97 -1.44 -0.66
N ALA A 37 13.82 -0.83 0.18
CA ALA A 37 14.62 0.32 -0.26
C ALA A 37 15.55 0.01 -1.42
N ASP A 38 15.95 -1.24 -1.60
CA ASP A 38 16.90 -1.61 -2.65
C ASP A 38 16.22 -2.03 -3.95
N MET A 39 14.90 -2.13 -3.99
CA MET A 39 14.23 -2.56 -5.22
C MET A 39 14.40 -1.54 -6.33
N PHE A 40 14.48 -2.05 -7.57
CA PHE A 40 14.44 -1.22 -8.77
C PHE A 40 15.54 -0.17 -8.78
N GLY A 41 16.70 -0.49 -8.21
CA GLY A 41 17.78 0.47 -8.12
C GLY A 41 17.67 1.46 -6.99
N GLY A 42 16.68 1.33 -6.11
CA GLY A 42 16.58 2.23 -4.96
C GLY A 42 15.25 2.94 -4.95
N LEU A 43 14.57 2.87 -3.79
CA LEU A 43 13.25 3.48 -3.60
C LEU A 43 13.30 4.43 -2.41
N PRO A 44 12.53 5.52 -2.43
CA PRO A 44 12.54 6.44 -1.28
C PRO A 44 11.62 6.00 -0.16
N VAL A 45 10.97 4.84 -0.29
CA VAL A 45 10.07 4.32 0.73
C VAL A 45 10.29 2.83 0.84
N GLN A 46 9.86 2.27 1.97
CA GLN A 46 9.65 0.85 2.13
C GLN A 46 8.21 0.65 2.58
N LEU A 47 7.64 -0.47 2.19
CA LEU A 47 6.23 -0.70 2.45
C LEU A 47 6.04 -2.12 2.93
N ALA A 48 5.44 -2.27 4.09
CA ALA A 48 5.19 -3.55 4.71
C ALA A 48 3.75 -3.58 5.21
N GLY A 49 3.22 -4.76 5.38
CA GLY A 49 1.94 -4.86 6.03
C GLY A 49 1.17 -6.01 5.48
N GLY A 50 -0.12 -6.00 5.75
CA GLY A 50 -0.87 -7.17 5.40
C GLY A 50 -2.30 -7.05 5.82
N GLU A 51 -3.03 -8.11 5.47
CA GLU A 51 -4.44 -8.18 5.72
C GLU A 51 -4.68 -8.46 7.20
N LEU A 52 -5.69 -7.79 7.76
CA LEU A 52 -5.86 -7.70 9.20
C LEU A 52 -6.87 -8.68 9.77
N SER A 53 -7.57 -9.44 8.94
CA SER A 53 -8.76 -10.16 9.40
C SER A 53 -8.46 -11.18 10.49
N LYS A 54 -7.25 -11.71 10.54
CA LYS A 54 -6.87 -12.66 11.58
C LYS A 54 -5.95 -12.03 12.62
N LEU A 55 -5.85 -10.70 12.66
CA LEU A 55 -5.00 -10.00 13.63
C LEU A 55 -5.80 -9.29 14.69
N VAL A 56 -7.12 -9.44 14.69
CA VAL A 56 -7.94 -8.70 15.64
C VAL A 56 -7.56 -9.16 17.04
N GLY A 57 -7.17 -8.20 17.89
CA GLY A 57 -6.75 -8.45 19.25
C GLY A 57 -5.32 -8.94 19.42
N LYS A 58 -4.58 -9.10 18.33
CA LYS A 58 -3.23 -9.68 18.38
C LYS A 58 -2.22 -8.69 17.82
N PRO A 59 -1.51 -7.95 18.66
CA PRO A 59 -0.56 -6.96 18.12
C PRO A 59 0.67 -7.64 17.51
N VAL A 60 1.15 -7.04 16.40
CA VAL A 60 2.29 -7.64 15.71
C VAL A 60 3.60 -7.20 16.33
N ALA A 61 3.57 -6.19 17.19
CA ALA A 61 4.80 -5.64 17.74
C ALA A 61 4.57 -4.99 19.10
N ALA A 62 5.64 -4.97 19.88
CA ALA A 62 5.71 -4.18 21.10
C ALA A 62 5.95 -2.74 20.68
N PRO A 63 5.80 -1.77 21.59
CA PRO A 63 6.10 -0.39 21.18
C PRO A 63 7.54 -0.28 20.71
N HIS A 64 7.75 0.51 19.68
CA HIS A 64 9.05 0.60 19.04
C HIS A 64 9.21 1.97 18.43
N VAL A 65 10.45 2.29 18.05
CA VAL A 65 10.76 3.58 17.45
C VAL A 65 11.61 3.34 16.21
N HIS A 66 11.43 4.21 15.23
CA HIS A 66 12.24 4.25 14.03
C HIS A 66 12.96 5.58 13.99
N GLU A 67 14.07 5.62 13.26
CA GLU A 67 14.71 6.89 12.94
C GLU A 67 14.19 7.49 11.64
N VAL A 68 13.17 6.90 11.02
CA VAL A 68 12.51 7.53 9.89
C VAL A 68 11.03 7.68 10.21
N ASP A 69 10.38 8.56 9.46
CA ASP A 69 8.93 8.70 9.55
C ASP A 69 8.26 7.42 9.08
N GLU A 70 7.15 7.06 9.72
CA GLU A 70 6.34 5.94 9.27
C GLU A 70 4.90 6.40 9.09
N LEU A 71 4.28 6.01 7.98
CA LEU A 71 2.87 6.24 7.72
C LEU A 71 2.11 4.94 7.89
N TYR A 72 1.03 4.98 8.67
CA TYR A 72 0.06 3.88 8.68
C TYR A 72 -1.02 4.20 7.66
N PHE A 73 -1.27 3.26 6.76
CA PHE A 73 -2.31 3.36 5.74
C PHE A 73 -3.30 2.23 5.99
N LEU A 74 -4.49 2.57 6.48
CA LEU A 74 -5.54 1.62 6.83
C LEU A 74 -6.64 1.67 5.75
N VAL A 75 -6.92 0.54 5.11
CA VAL A 75 -7.88 0.53 4.01
C VAL A 75 -8.71 -0.74 4.04
N SER A 76 -9.92 -0.66 3.51
CA SER A 76 -10.81 -1.82 3.43
C SER A 76 -11.75 -1.63 2.25
N PRO A 77 -12.33 -2.72 1.73
CA PRO A 77 -13.24 -2.57 0.57
C PRO A 77 -14.31 -1.52 0.79
N GLU A 78 -14.95 -1.54 1.96
CA GLU A 78 -15.95 -0.54 2.31
C GLU A 78 -15.50 0.28 3.49
N PRO A 79 -15.72 1.61 3.46
CA PRO A 79 -15.31 2.45 4.59
C PRO A 79 -15.86 1.94 5.92
N GLY A 80 -15.06 2.08 6.97
CA GLY A 80 -15.49 1.67 8.27
C GLY A 80 -15.31 0.20 8.58
N GLN A 81 -14.92 -0.60 7.60
CA GLN A 81 -14.82 -2.03 7.88
C GLN A 81 -13.57 -2.42 8.66
N ALA A 82 -12.62 -1.51 8.85
CA ALA A 82 -11.44 -1.83 9.64
C ALA A 82 -11.15 -0.69 10.60
N ARG A 83 -10.64 -1.06 11.77
CA ARG A 83 -10.38 -0.10 12.84
C ARG A 83 -9.16 -0.59 13.60
N ILE A 84 -8.20 0.32 13.82
CA ILE A 84 -7.04 -0.01 14.63
C ILE A 84 -6.89 1.08 15.66
N GLU A 85 -6.21 0.72 16.74
CA GLU A 85 -5.82 1.65 17.80
C GLU A 85 -4.32 1.86 17.72
N VAL A 86 -3.90 3.09 17.47
CA VAL A 86 -2.48 3.44 17.40
C VAL A 86 -2.08 4.05 18.72
N HIS A 87 -1.07 3.46 19.36
CA HIS A 87 -0.44 4.02 20.55
C HIS A 87 0.71 4.91 20.09
N LEU A 88 0.62 6.20 20.41
CA LEU A 88 1.61 7.18 19.97
C LEU A 88 2.12 7.88 21.22
N ASP A 89 3.32 7.48 21.68
CA ASP A 89 3.93 8.04 22.89
C ASP A 89 2.93 8.08 24.04
N GLY A 90 2.32 6.92 24.31
CA GLY A 90 1.36 6.74 25.38
C GLY A 90 -0.02 7.33 25.18
N VAL A 91 -0.37 7.78 23.97
CA VAL A 91 -1.71 8.29 23.67
C VAL A 91 -2.34 7.38 22.62
N ARG A 92 -3.57 6.95 22.86
CA ARG A 92 -4.27 6.04 21.97
C ARG A 92 -5.11 6.82 20.97
N HIS A 93 -5.01 6.43 19.69
CA HIS A 93 -5.78 7.04 18.62
C HIS A 93 -6.47 5.93 17.85
N GLU A 94 -7.78 6.08 17.63
CA GLU A 94 -8.55 5.11 16.88
C GLU A 94 -8.62 5.59 15.44
N LEU A 95 -8.21 4.74 14.50
CA LEU A 95 -8.29 5.04 13.08
C LEU A 95 -9.37 4.15 12.48
N VAL A 96 -10.16 4.74 11.58
CA VAL A 96 -11.24 4.04 10.89
C VAL A 96 -10.95 4.10 9.40
N SER A 97 -11.04 2.98 8.72
CA SER A 97 -10.70 2.95 7.30
C SER A 97 -11.69 3.83 6.50
N PRO A 98 -11.21 4.56 5.48
CA PRO A 98 -9.79 4.68 5.14
C PRO A 98 -9.12 5.78 5.95
N ALA A 99 -7.86 5.60 6.34
CA ALA A 99 -7.18 6.62 7.12
C ALA A 99 -5.67 6.51 6.87
N VAL A 100 -4.99 7.65 6.96
CA VAL A 100 -3.53 7.68 6.90
C VAL A 100 -3.03 8.49 8.08
N MET A 101 -2.08 7.93 8.82
CA MET A 101 -1.55 8.56 10.03
C MET A 101 -0.03 8.61 9.92
N ARG A 102 0.55 9.78 10.21
CA ARG A 102 1.99 9.94 10.19
C ARG A 102 2.56 9.73 11.60
N ILE A 103 3.56 8.87 11.72
CA ILE A 103 4.29 8.63 12.96
C ILE A 103 5.66 9.28 12.83
N PRO A 104 5.93 10.40 13.50
CA PRO A 104 7.24 11.07 13.32
C PRO A 104 8.39 10.21 13.83
N ALA A 105 9.53 10.28 13.15
CA ALA A 105 10.71 9.54 13.60
C ALA A 105 11.00 9.83 15.06
N GLY A 106 11.35 8.80 15.82
CA GLY A 106 11.63 8.94 17.23
C GLY A 106 10.43 8.78 18.13
N SER A 107 9.21 8.77 17.58
CA SER A 107 8.00 8.57 18.37
C SER A 107 7.83 7.10 18.69
N GLU A 108 7.57 6.77 19.96
CA GLU A 108 7.29 5.40 20.34
C GLU A 108 5.86 5.03 19.93
N HIS A 109 5.69 3.85 19.31
CA HIS A 109 4.40 3.58 18.71
C HIS A 109 4.22 2.09 18.45
N CYS A 110 2.96 1.71 18.27
CA CYS A 110 2.53 0.38 17.81
C CYS A 110 1.02 0.48 17.58
N PHE A 111 0.44 -0.58 17.02
CA PHE A 111 -1.00 -0.61 16.82
C PHE A 111 -1.59 -1.95 17.22
N LEU A 112 -2.88 -1.89 17.54
CA LEU A 112 -3.71 -3.02 17.90
C LEU A 112 -4.92 -3.02 16.98
N THR A 113 -5.21 -4.17 16.36
CA THR A 113 -6.35 -4.27 15.45
C THR A 113 -7.61 -4.44 16.29
N LEU A 114 -8.56 -3.52 16.13
CA LEU A 114 -9.85 -3.56 16.84
C LEU A 114 -10.90 -4.32 16.02
N GLU A 115 -10.90 -4.12 14.71
CA GLU A 115 -11.96 -4.67 13.87
C GLU A 115 -11.41 -4.77 12.44
N ALA A 116 -11.74 -5.86 11.75
CA ALA A 116 -11.22 -6.06 10.40
C ALA A 116 -12.02 -7.15 9.70
N THR A 117 -12.52 -6.84 8.50
CA THR A 117 -13.08 -7.78 7.54
C THR A 117 -11.98 -8.39 6.67
N VAL A 118 -12.33 -9.47 5.99
CA VAL A 118 -11.45 -9.98 4.94
C VAL A 118 -11.21 -8.88 3.91
N GLY A 119 -9.95 -8.67 3.57
CA GLY A 119 -9.60 -7.57 2.69
C GLY A 119 -9.31 -6.25 3.38
N SER A 120 -9.24 -6.23 4.71
CA SER A 120 -8.78 -5.06 5.42
C SER A 120 -7.27 -5.14 5.55
N TYR A 121 -6.58 -4.02 5.31
CA TYR A 121 -5.13 -3.99 5.35
C TYR A 121 -4.67 -2.79 6.18
N CYS A 122 -3.57 -2.98 6.89
CA CYS A 122 -2.76 -1.88 7.37
C CYS A 122 -1.38 -2.00 6.74
N PHE A 123 -0.99 -0.99 5.97
CA PHE A 123 0.34 -0.91 5.42
C PHE A 123 1.14 0.14 6.19
N GLY A 124 2.36 -0.22 6.59
CA GLY A 124 3.29 0.72 7.15
C GLY A 124 4.27 1.15 6.09
N ILE A 125 4.37 2.46 5.88
CA ILE A 125 5.23 3.02 4.83
C ILE A 125 6.35 3.80 5.51
N LEU A 126 7.57 3.25 5.47
CA LEU A 126 8.75 3.94 5.99
C LEU A 126 9.24 4.95 4.95
N VAL A 127 9.29 6.23 5.31
CA VAL A 127 9.64 7.31 4.38
C VAL A 127 11.11 7.65 4.60
N GLY A 128 11.92 7.46 3.57
CA GLY A 128 13.37 7.47 3.68
C GLY A 128 14.08 8.79 3.94
N ASP A 129 13.36 9.86 4.26
CA ASP A 129 13.96 11.16 4.54
C ASP A 129 14.65 11.73 3.31
N ALA B 12 -1.50 14.82 16.75
CA ALA B 12 -1.32 13.67 15.87
C ALA B 12 -1.78 14.02 14.46
N GLU B 13 -1.05 13.61 13.44
CA GLU B 13 -1.42 13.94 12.07
C GLU B 13 -2.12 12.75 11.43
N ILE B 14 -3.43 12.89 11.27
CA ILE B 14 -4.30 11.86 10.73
C ILE B 14 -5.09 12.49 9.59
N VAL B 15 -5.11 11.82 8.45
CA VAL B 15 -5.90 12.25 7.30
C VAL B 15 -7.01 11.24 7.11
N THR B 16 -8.27 11.71 7.12
CA THR B 16 -9.42 10.85 6.93
C THR B 16 -10.29 11.24 5.74
N ALA B 17 -10.05 12.38 5.11
CA ALA B 17 -10.83 12.77 3.93
C ALA B 17 -10.24 12.07 2.72
N LEU B 18 -10.60 10.81 2.57
CA LEU B 18 -9.95 9.91 1.62
C LEU B 18 -10.96 8.99 0.99
N PRO B 19 -10.72 8.54 -0.25
CA PRO B 19 -9.60 8.96 -1.11
C PRO B 19 -9.76 10.37 -1.68
N VAL B 20 -8.69 10.95 -2.21
CA VAL B 20 -8.72 12.26 -2.85
C VAL B 20 -8.86 12.05 -4.36
N PRO B 21 -9.98 12.42 -4.98
CA PRO B 21 -10.10 12.23 -6.43
C PRO B 21 -9.23 13.23 -7.18
N LEU B 22 -8.30 12.72 -7.98
CA LEU B 22 -7.41 13.55 -8.79
C LEU B 22 -7.40 13.02 -10.22
N ALA B 23 -7.45 13.94 -11.19
CA ALA B 23 -7.40 13.55 -12.60
C ALA B 23 -5.99 13.14 -12.99
N VAL B 24 -5.89 12.08 -13.79
CA VAL B 24 -4.58 11.57 -14.22
C VAL B 24 -4.50 11.40 -15.73
N PRO B 30 -11.38 10.52 -12.63
CA PRO B 30 -10.34 10.80 -11.63
C PRO B 30 -9.96 9.56 -10.80
N ALA B 31 -8.68 9.42 -10.53
CA ALA B 31 -8.17 8.31 -9.75
C ALA B 31 -8.29 8.59 -8.25
N PRO B 32 -8.59 7.58 -7.44
CA PRO B 32 -8.71 7.78 -5.99
C PRO B 32 -7.36 7.69 -5.33
N PHE B 33 -6.88 8.81 -4.80
CA PHE B 33 -5.58 8.87 -4.16
C PHE B 33 -5.72 8.74 -2.65
N TYR B 34 -4.83 7.94 -2.06
CA TYR B 34 -4.75 7.83 -0.61
C TYR B 34 -3.51 8.49 -0.04
N LEU B 35 -2.43 8.58 -0.81
CA LEU B 35 -1.29 9.41 -0.48
C LEU B 35 -1.07 10.39 -1.62
N THR B 36 -1.00 11.68 -1.29
CA THR B 36 -0.68 12.68 -2.29
C THR B 36 0.62 13.38 -1.90
N ALA B 37 1.28 13.95 -2.92
CA ALA B 37 2.64 14.47 -2.73
C ALA B 37 2.70 15.58 -1.69
N ASP B 38 1.60 16.28 -1.45
CA ASP B 38 1.59 17.40 -0.51
C ASP B 38 1.24 16.99 0.92
N MET B 39 0.91 15.73 1.18
CA MET B 39 0.55 15.37 2.55
C MET B 39 1.75 15.48 3.49
N PHE B 40 1.45 15.88 4.73
CA PHE B 40 2.42 15.87 5.84
C PHE B 40 3.66 16.71 5.52
N GLY B 41 3.46 17.83 4.82
CA GLY B 41 4.58 18.68 4.43
C GLY B 41 5.34 18.22 3.21
N GLY B 42 4.89 17.18 2.52
CA GLY B 42 5.55 16.71 1.29
C GLY B 42 5.92 15.24 1.43
N LEU B 43 5.53 14.46 0.42
CA LEU B 43 5.86 13.04 0.40
C LEU B 43 6.60 12.70 -0.89
N PRO B 44 7.50 11.72 -0.87
CA PRO B 44 8.24 11.36 -2.08
C PRO B 44 7.49 10.42 -3.00
N VAL B 45 6.26 10.04 -2.64
CA VAL B 45 5.45 9.16 -3.48
C VAL B 45 4.02 9.66 -3.44
N GLN B 46 3.26 9.24 -4.43
CA GLN B 46 1.81 9.31 -4.37
C GLN B 46 1.29 7.91 -4.57
N LEU B 47 0.12 7.64 -3.99
CA LEU B 47 -0.42 6.30 -4.02
C LEU B 47 -1.90 6.39 -4.35
N ALA B 48 -2.30 5.69 -5.40
CA ALA B 48 -3.67 5.66 -5.86
C ALA B 48 -4.07 4.21 -6.09
N GLY B 49 -5.35 3.97 -6.06
CA GLY B 49 -5.84 2.65 -6.39
C GLY B 49 -7.14 2.39 -5.68
N GLY B 50 -7.51 1.12 -5.69
CA GLY B 50 -8.85 0.82 -5.25
C GLY B 50 -9.07 -0.67 -5.33
N GLU B 51 -10.24 -1.06 -4.88
CA GLU B 51 -10.56 -2.46 -4.78
C GLU B 51 -10.88 -2.99 -6.18
N LEU B 52 -10.42 -4.20 -6.47
CA LEU B 52 -10.45 -4.69 -7.85
C LEU B 52 -11.67 -5.54 -8.18
N SER B 53 -12.43 -5.97 -7.17
CA SER B 53 -13.53 -6.90 -7.43
C SER B 53 -14.61 -6.27 -8.30
N LYS B 54 -14.70 -4.95 -8.32
CA LYS B 54 -15.68 -4.27 -9.16
C LYS B 54 -15.06 -3.77 -10.47
N LEU B 55 -13.82 -4.16 -10.77
CA LEU B 55 -13.13 -3.80 -12.00
C LEU B 55 -12.88 -4.98 -12.93
N VAL B 56 -13.35 -6.18 -12.58
CA VAL B 56 -13.01 -7.42 -13.28
C VAL B 56 -13.50 -7.48 -14.75
N LYS B 58 -13.28 -2.13 -16.99
CA LYS B 58 -13.78 -3.50 -16.87
C LYS B 58 -13.56 -4.28 -18.23
N PRO B 59 -14.26 -3.92 -19.37
CA PRO B 59 -13.89 -4.57 -20.65
C PRO B 59 -12.66 -3.93 -21.31
N VAL B 60 -12.43 -2.64 -21.03
CA VAL B 60 -11.37 -1.86 -21.65
C VAL B 60 -10.58 -1.09 -20.58
N ALA B 61 -9.40 -0.60 -20.98
CA ALA B 61 -8.55 0.25 -20.15
C ALA B 61 -7.74 1.16 -21.09
N ALA B 62 -7.52 2.42 -20.67
CA ALA B 62 -6.84 3.43 -21.50
C ALA B 62 -5.33 3.47 -21.29
N PRO B 63 -4.52 3.32 -22.35
CA PRO B 63 -3.08 3.53 -22.20
C PRO B 63 -2.75 4.98 -21.87
N HIS B 64 -1.71 5.18 -21.05
CA HIS B 64 -1.33 6.53 -20.64
C HIS B 64 0.14 6.53 -20.23
N VAL B 65 0.69 7.73 -20.01
CA VAL B 65 2.08 7.88 -19.60
C VAL B 65 2.17 8.85 -18.43
N HIS B 66 3.18 8.65 -17.59
CA HIS B 66 3.51 9.52 -16.48
C HIS B 66 4.89 10.11 -16.71
N GLU B 67 5.16 11.24 -16.06
CA GLU B 67 6.50 11.80 -16.12
C GLU B 67 7.40 11.27 -15.02
N VAL B 68 6.88 10.43 -14.13
CA VAL B 68 7.67 9.76 -13.10
C VAL B 68 7.45 8.25 -13.23
N ASP B 69 8.33 7.49 -12.59
CA ASP B 69 8.12 6.06 -12.49
C ASP B 69 6.85 5.76 -11.70
N GLU B 70 6.17 4.69 -12.09
CA GLU B 70 5.01 4.18 -11.36
C GLU B 70 5.24 2.71 -11.05
N LEU B 71 4.94 2.31 -9.83
CA LEU B 71 4.97 0.91 -9.43
C LEU B 71 3.53 0.43 -9.30
N TYR B 72 3.21 -0.70 -9.92
CA TYR B 72 1.97 -1.41 -9.65
C TYR B 72 2.21 -2.36 -8.49
N PHE B 73 1.36 -2.29 -7.49
CA PHE B 73 1.40 -3.19 -6.34
C PHE B 73 0.07 -3.95 -6.30
N LEU B 74 0.11 -5.23 -6.65
CA LEU B 74 -1.06 -6.10 -6.67
C LEU B 74 -1.09 -7.01 -5.45
N VAL B 75 -2.18 -6.94 -4.66
CA VAL B 75 -2.35 -7.74 -3.45
C VAL B 75 -3.76 -8.29 -3.38
N SER B 76 -3.90 -9.40 -2.66
CA SER B 76 -5.18 -10.02 -2.35
C SER B 76 -5.07 -10.66 -0.98
N PRO B 77 -6.20 -10.89 -0.29
CA PRO B 77 -6.11 -11.50 1.05
C PRO B 77 -5.30 -12.78 1.05
N GLU B 78 -5.52 -13.65 0.10
CA GLU B 78 -4.71 -14.85 -0.06
C GLU B 78 -3.95 -14.79 -1.38
N PRO B 79 -2.70 -15.23 -1.39
CA PRO B 79 -1.91 -15.19 -2.63
C PRO B 79 -2.62 -15.86 -3.78
N GLY B 80 -2.49 -15.28 -4.96
CA GLY B 80 -3.06 -15.86 -6.15
C GLY B 80 -4.51 -15.52 -6.40
N GLN B 81 -5.19 -14.84 -5.47
CA GLN B 81 -6.61 -14.54 -5.62
C GLN B 81 -6.89 -13.36 -6.56
N ALA B 82 -5.89 -12.65 -7.06
CA ALA B 82 -6.12 -11.58 -8.02
C ALA B 82 -5.14 -11.71 -9.17
N ARG B 83 -5.57 -11.28 -10.35
CA ARG B 83 -4.83 -11.49 -11.59
C ARG B 83 -5.10 -10.31 -12.50
N ILE B 84 -4.06 -9.70 -13.04
CA ILE B 84 -4.19 -8.57 -13.95
C ILE B 84 -3.34 -8.81 -15.19
N GLU B 85 -3.70 -8.08 -16.25
CA GLU B 85 -2.91 -7.97 -17.46
C GLU B 85 -2.32 -6.58 -17.51
N VAL B 86 -1.00 -6.47 -17.50
CA VAL B 86 -0.36 -5.18 -17.66
C VAL B 86 0.12 -5.07 -19.10
N HIS B 87 -0.37 -4.05 -19.82
CA HIS B 87 0.11 -3.74 -21.16
C HIS B 87 1.19 -2.67 -21.06
N LEU B 88 2.42 -3.04 -21.42
CA LEU B 88 3.56 -2.14 -21.29
C LEU B 88 4.26 -2.03 -22.63
N ASP B 89 4.05 -0.90 -23.30
CA ASP B 89 4.73 -0.62 -24.57
C ASP B 89 4.52 -1.78 -25.55
N GLY B 90 3.27 -2.15 -25.76
CA GLY B 90 2.96 -3.22 -26.69
C GLY B 90 3.28 -4.64 -26.26
N VAL B 91 3.58 -4.88 -24.98
CA VAL B 91 3.76 -6.25 -24.48
C VAL B 91 2.75 -6.51 -23.37
N ARG B 92 2.07 -7.66 -23.46
CA ARG B 92 1.08 -8.08 -22.47
C ARG B 92 1.80 -8.86 -21.38
N HIS B 93 1.51 -8.55 -20.11
CA HIS B 93 2.07 -9.26 -18.98
C HIS B 93 0.94 -9.72 -18.08
N GLU B 94 0.90 -11.00 -17.73
CA GLU B 94 -0.14 -11.48 -16.81
C GLU B 94 0.50 -11.69 -15.44
N LEU B 95 0.03 -10.93 -14.44
CA LEU B 95 0.56 -10.99 -13.08
C LEU B 95 -0.47 -11.52 -12.10
N VAL B 96 0.01 -12.28 -11.12
CA VAL B 96 -0.80 -12.92 -10.09
C VAL B 96 -0.35 -12.39 -8.72
N SER B 97 -1.32 -12.06 -7.86
CA SER B 97 -1.01 -11.46 -6.56
C SER B 97 -0.21 -12.43 -5.68
N PRO B 98 0.74 -11.94 -4.89
CA PRO B 98 1.22 -10.56 -4.82
C PRO B 98 2.27 -10.27 -5.88
N ALA B 99 2.26 -9.07 -6.45
CA ALA B 99 3.23 -8.71 -7.48
C ALA B 99 3.50 -7.22 -7.43
N VAL B 100 4.72 -6.84 -7.77
CA VAL B 100 5.09 -5.44 -7.93
C VAL B 100 5.78 -5.28 -9.27
N MET B 101 5.35 -4.30 -10.06
CA MET B 101 5.90 -4.09 -11.39
C MET B 101 6.27 -2.62 -11.57
N ARG B 102 7.47 -2.37 -12.08
CA ARG B 102 7.90 -1.00 -12.31
C ARG B 102 7.54 -0.56 -13.73
N ILE B 103 6.85 0.57 -13.83
CA ILE B 103 6.53 1.19 -15.12
C ILE B 103 7.44 2.41 -15.26
N PRO B 104 8.48 2.36 -16.11
CA PRO B 104 9.41 3.49 -16.20
C PRO B 104 8.71 4.73 -16.74
N ALA B 105 9.13 5.90 -16.24
CA ALA B 105 8.57 7.16 -16.74
C ALA B 105 8.66 7.23 -18.26
N GLY B 106 7.59 7.72 -18.88
CA GLY B 106 7.50 7.81 -20.32
C GLY B 106 6.97 6.58 -21.01
N SER B 107 6.89 5.44 -20.32
CA SER B 107 6.36 4.22 -20.94
C SER B 107 4.84 4.27 -20.99
N GLU B 108 4.29 3.95 -22.16
CA GLU B 108 2.85 3.84 -22.31
C GLU B 108 2.38 2.53 -21.70
N HIS B 109 1.32 2.59 -20.90
CA HIS B 109 0.96 1.46 -20.08
C HIS B 109 -0.47 1.60 -19.60
N CYS B 110 -1.04 0.48 -19.17
CA CYS B 110 -2.31 0.40 -18.47
C CYS B 110 -2.47 -1.03 -17.98
N PHE B 111 -3.49 -1.26 -17.15
CA PHE B 111 -3.73 -2.62 -16.73
C PHE B 111 -5.21 -2.93 -16.75
N LEU B 112 -5.50 -4.21 -16.88
CA LEU B 112 -6.86 -4.71 -16.94
C LEU B 112 -7.01 -5.82 -15.91
N THR B 113 -8.08 -5.79 -15.13
CA THR B 113 -8.30 -6.80 -14.09
C THR B 113 -8.97 -8.04 -14.67
N LEU B 114 -8.31 -9.21 -14.54
CA LEU B 114 -8.90 -10.44 -15.04
C LEU B 114 -9.71 -11.16 -13.99
N GLU B 115 -9.24 -11.15 -12.76
CA GLU B 115 -9.84 -11.96 -11.72
C GLU B 115 -9.49 -11.29 -10.40
N ALA B 116 -10.46 -11.24 -9.48
CA ALA B 116 -10.20 -10.58 -8.20
C ALA B 116 -11.26 -10.95 -7.18
N THR B 117 -10.84 -11.44 -6.02
CA THR B 117 -11.77 -11.59 -4.91
C THR B 117 -11.98 -10.23 -4.23
N VAL B 118 -13.06 -10.13 -3.46
CA VAL B 118 -13.32 -8.91 -2.69
C VAL B 118 -12.16 -8.67 -1.74
N GLY B 119 -11.66 -7.44 -1.73
CA GLY B 119 -10.48 -7.15 -0.93
C GLY B 119 -9.17 -7.28 -1.66
N SER B 120 -9.19 -7.42 -2.99
CA SER B 120 -7.99 -7.36 -3.82
C SER B 120 -7.74 -5.92 -4.26
N TYR B 121 -6.48 -5.50 -4.28
CA TYR B 121 -6.13 -4.15 -4.68
C TYR B 121 -5.01 -4.14 -5.69
N CYS B 122 -5.07 -3.17 -6.59
CA CYS B 122 -3.90 -2.76 -7.33
C CYS B 122 -3.69 -1.29 -6.99
N PHE B 123 -2.54 -0.98 -6.41
CA PHE B 123 -2.18 0.40 -6.10
C PHE B 123 -1.14 0.86 -7.12
N GLY B 124 -1.32 2.07 -7.64
CA GLY B 124 -0.33 2.70 -8.47
C GLY B 124 0.46 3.66 -7.60
N ILE B 125 1.77 3.47 -7.55
CA ILE B 125 2.63 4.26 -6.69
C ILE B 125 3.56 5.08 -7.58
N LEU B 126 3.31 6.38 -7.65
CA LEU B 126 4.17 7.29 -8.40
C LEU B 126 5.39 7.61 -7.55
N VAL B 127 6.57 7.35 -8.09
CA VAL B 127 7.82 7.51 -7.33
C VAL B 127 8.49 8.80 -7.75
N GLY B 128 8.60 9.73 -6.80
CA GLY B 128 9.06 11.07 -7.11
C GLY B 128 10.54 11.10 -7.48
#